data_5L7T
#
_entry.id   5L7T
#
_cell.length_a   91.243
_cell.length_b   91.243
_cell.length_c   131.398
_cell.angle_alpha   90.00
_cell.angle_beta   90.00
_cell.angle_gamma   90.00
#
_symmetry.space_group_name_H-M   'I 4 2 2'
#
loop_
_entity.id
_entity.type
_entity.pdbx_description
1 polymer '17-beta-hydroxysteroid dehydrogenase 14'
2 non-polymer NICOTINAMIDE-ADENINE-DINUCLEOTIDE
3 non-polymer 'SODIUM ION'
4 non-polymer (4-fluoranyl-3-oxidanyl-phenyl)-[6-(3-methyl-4-oxidanyl-phenyl)pyridin-2-yl]methanone
5 water water
#
_entity_poly.entity_id   1
_entity_poly.type   'polypeptide(L)'
_entity_poly.pdbx_seq_one_letter_code
;GHMATGTRYAGKVVVVTGGGRGIGAGIVRAFVNSGARVVICDKDESGGRALEQELPGAVFILCDVTQEDDVKTLVSETIR
RFGRLDCVVNNAGHHPPPQRPEETSAQGFRQLLELNLLGTYTLTKLALPYLRKSQGNVINISSLVGAIGQAQAVPYVATK
GAVTAMTKALALDESPYGVRVNCISPGNIWTPLWEELAALMPDPRATIREGMLAQPLGRMGQPAEVGAAAVFLASEANFC
TGIELLVTGGAELGYGCKASRSTPVDAPDIPSGS
;
_entity_poly.pdbx_strand_id   A
#
loop_
_chem_comp.id
_chem_comp.type
_chem_comp.name
_chem_comp.formula
6QJ non-polymer (4-fluoranyl-3-oxidanyl-phenyl)-[6-(3-methyl-4-oxidanyl-phenyl)pyridin-2-yl]methanone 'C19 H14 F N O3'
NA non-polymer 'SODIUM ION' 'Na 1'
NAD non-polymer NICOTINAMIDE-ADENINE-DINUCLEOTIDE 'C21 H27 N7 O14 P2'
#
# COMPACT_ATOMS: atom_id res chain seq x y z
N GLY A 6 0.12 -4.78 -22.51
CA GLY A 6 1.35 -4.08 -22.14
C GLY A 6 2.55 -5.00 -22.11
N THR A 7 3.74 -4.43 -22.20
CA THR A 7 4.95 -5.22 -22.18
C THR A 7 5.96 -4.78 -21.12
N ARG A 8 5.70 -3.67 -20.41
CA ARG A 8 6.66 -3.17 -19.42
C ARG A 8 6.99 -4.19 -18.35
N TYR A 9 6.03 -5.01 -17.95
CA TYR A 9 6.27 -6.00 -16.90
C TYR A 9 5.73 -7.35 -17.32
N ALA A 10 5.88 -7.67 -18.60
CA ALA A 10 5.36 -8.91 -19.14
C ALA A 10 6.12 -10.10 -18.57
N GLY A 11 5.40 -11.19 -18.36
CA GLY A 11 6.00 -12.41 -17.83
C GLY A 11 6.32 -12.38 -16.36
N LYS A 12 5.92 -11.32 -15.65
CA LYS A 12 6.17 -11.17 -14.22
C LYS A 12 4.90 -11.49 -13.44
N VAL A 13 5.08 -11.86 -12.17
CA VAL A 13 3.98 -12.25 -11.30
C VAL A 13 4.00 -11.35 -10.07
N VAL A 14 2.88 -10.70 -9.79
CA VAL A 14 2.78 -9.68 -8.75
C VAL A 14 1.67 -10.06 -7.77
N VAL A 15 1.96 -9.92 -6.48
CA VAL A 15 0.95 -10.05 -5.43
C VAL A 15 0.66 -8.66 -4.87
N VAL A 16 -0.62 -8.30 -4.79
CA VAL A 16 -1.05 -7.03 -4.22
C VAL A 16 -2.03 -7.31 -3.10
N THR A 17 -1.67 -6.91 -1.88
CA THR A 17 -2.57 -7.10 -0.74
C THR A 17 -3.52 -5.92 -0.62
N GLY A 18 -4.67 -6.18 0.00
CA GLY A 18 -5.77 -5.24 -0.06
C GLY A 18 -6.10 -4.80 -1.47
N GLY A 19 -5.99 -5.71 -2.45
CA GLY A 19 -6.20 -5.37 -3.84
C GLY A 19 -7.64 -5.28 -4.30
N GLY A 20 -8.59 -5.46 -3.40
CA GLY A 20 -9.99 -5.53 -3.81
C GLY A 20 -10.66 -4.21 -4.12
N ARG A 21 -10.14 -3.10 -3.60
CA ARG A 21 -10.72 -1.78 -3.84
C ARG A 21 -9.64 -0.72 -3.61
N GLY A 22 -10.00 0.54 -3.86
CA GLY A 22 -9.16 1.67 -3.52
C GLY A 22 -7.81 1.62 -4.21
N ILE A 23 -6.79 2.09 -3.48
CA ILE A 23 -5.43 2.12 -4.01
C ILE A 23 -4.99 0.72 -4.48
N GLY A 24 -5.28 -0.31 -3.68
CA GLY A 24 -4.89 -1.66 -4.06
C GLY A 24 -5.44 -2.08 -5.41
N ALA A 25 -6.72 -1.79 -5.65
CA ALA A 25 -7.31 -2.14 -6.94
C ALA A 25 -6.69 -1.33 -8.07
N GLY A 26 -6.38 -0.05 -7.82
CA GLY A 26 -5.69 0.74 -8.82
C GLY A 26 -4.33 0.16 -9.16
N ILE A 27 -3.62 -0.33 -8.15
CA ILE A 27 -2.33 -0.99 -8.37
C ILE A 27 -2.52 -2.28 -9.14
N VAL A 28 -3.53 -3.07 -8.80
CA VAL A 28 -3.81 -4.30 -9.54
C VAL A 28 -4.00 -3.98 -11.03
N ARG A 29 -4.85 -3.01 -11.33
CA ARG A 29 -5.13 -2.67 -12.72
C ARG A 29 -3.85 -2.21 -13.44
N ALA A 30 -3.01 -1.43 -12.77
CA ALA A 30 -1.81 -0.93 -13.42
C ALA A 30 -0.87 -2.08 -13.80
N PHE A 31 -0.71 -3.05 -12.93
CA PHE A 31 0.18 -4.16 -13.25
C PHE A 31 -0.42 -5.05 -14.34
N VAL A 32 -1.73 -5.25 -14.33
CA VAL A 32 -2.36 -5.99 -15.42
C VAL A 32 -2.15 -5.28 -16.74
N ASN A 33 -2.32 -3.95 -16.74
CA ASN A 33 -2.07 -3.14 -17.93
C ASN A 33 -0.62 -3.21 -18.38
N SER A 34 0.31 -3.50 -17.49
CA SER A 34 1.71 -3.60 -17.88
C SER A 34 2.11 -4.99 -18.35
N GLY A 35 1.17 -5.93 -18.41
CA GLY A 35 1.43 -7.28 -18.90
C GLY A 35 1.71 -8.32 -17.83
N ALA A 36 1.63 -7.95 -16.54
CA ALA A 36 1.90 -8.88 -15.46
C ALA A 36 0.66 -9.71 -15.13
N ARG A 37 0.91 -10.89 -14.58
CA ARG A 37 -0.14 -11.63 -13.90
C ARG A 37 -0.16 -11.20 -12.44
N VAL A 38 -1.35 -10.98 -11.91
CA VAL A 38 -1.53 -10.38 -10.59
C VAL A 38 -2.37 -11.31 -9.73
N VAL A 39 -1.88 -11.62 -8.55
CA VAL A 39 -2.69 -12.25 -7.51
C VAL A 39 -3.26 -11.14 -6.63
N ILE A 40 -4.58 -11.03 -6.59
CA ILE A 40 -5.27 -10.07 -5.72
C ILE A 40 -5.50 -10.75 -4.38
N CYS A 41 -4.92 -10.19 -3.31
CA CYS A 41 -5.16 -10.69 -1.97
C CYS A 41 -6.04 -9.70 -1.23
N ASP A 42 -7.05 -10.20 -0.53
CA ASP A 42 -7.90 -9.34 0.27
C ASP A 42 -8.61 -10.19 1.30
N LYS A 43 -8.94 -9.57 2.45
CA LYS A 43 -9.73 -10.25 3.46
C LYS A 43 -11.21 -10.26 3.12
N ASP A 44 -11.67 -9.34 2.28
N ASP A 44 -11.66 -9.36 2.25
CA ASP A 44 -13.05 -9.33 1.82
CA ASP A 44 -13.04 -9.29 1.80
C ASP A 44 -13.12 -9.86 0.39
C ASP A 44 -13.15 -9.82 0.37
N GLU A 45 -14.18 -10.61 0.10
CA GLU A 45 -14.32 -11.23 -1.21
C GLU A 45 -14.93 -10.32 -2.25
N SER A 46 -15.76 -9.35 -1.84
CA SER A 46 -16.68 -8.73 -2.79
C SER A 46 -15.92 -8.02 -3.92
N GLY A 47 -15.01 -7.12 -3.57
CA GLY A 47 -14.30 -6.37 -4.60
C GLY A 47 -13.32 -7.24 -5.37
N GLY A 48 -12.50 -8.01 -4.65
CA GLY A 48 -11.46 -8.79 -5.31
C GLY A 48 -12.00 -9.86 -6.25
N ARG A 49 -13.11 -10.50 -5.87
CA ARG A 49 -13.66 -11.53 -6.74
C ARG A 49 -14.19 -10.95 -8.04
N ALA A 50 -14.88 -9.81 -7.96
CA ALA A 50 -15.36 -9.16 -9.18
C ALA A 50 -14.20 -8.72 -10.06
N LEU A 51 -13.12 -8.26 -9.43
CA LEU A 51 -11.95 -7.80 -10.19
C LEU A 51 -11.29 -8.97 -10.90
N GLU A 52 -11.29 -10.15 -10.28
N GLU A 52 -11.30 -10.15 -10.27
CA GLU A 52 -10.76 -11.32 -10.98
CA GLU A 52 -10.80 -11.35 -10.91
C GLU A 52 -11.58 -11.61 -12.23
C GLU A 52 -11.59 -11.67 -12.17
N GLN A 53 -12.92 -11.57 -12.11
CA GLN A 53 -13.75 -11.81 -13.29
C GLN A 53 -13.50 -10.75 -14.34
N GLU A 54 -13.26 -9.51 -13.91
CA GLU A 54 -13.11 -8.40 -14.84
C GLU A 54 -11.81 -8.50 -15.63
N LEU A 55 -10.71 -8.83 -14.95
CA LEU A 55 -9.38 -8.64 -15.53
C LEU A 55 -8.78 -9.96 -15.93
N PRO A 56 -8.60 -10.23 -17.22
CA PRO A 56 -7.81 -11.39 -17.62
C PRO A 56 -6.40 -11.21 -17.09
N GLY A 57 -5.87 -12.24 -16.46
CA GLY A 57 -4.56 -12.12 -15.88
C GLY A 57 -4.54 -11.75 -14.42
N ALA A 58 -5.69 -11.42 -13.81
CA ALA A 58 -5.79 -11.28 -12.37
C ALA A 58 -6.61 -12.41 -11.77
N VAL A 59 -6.14 -12.94 -10.64
CA VAL A 59 -6.90 -13.93 -9.88
C VAL A 59 -6.97 -13.48 -8.44
N PHE A 60 -8.03 -13.88 -7.75
CA PHE A 60 -8.31 -13.47 -6.38
C PHE A 60 -8.05 -14.63 -5.42
N ILE A 61 -7.28 -14.36 -4.38
CA ILE A 61 -7.05 -15.32 -3.30
C ILE A 61 -7.45 -14.65 -1.99
N LEU A 62 -8.44 -15.23 -1.32
CA LEU A 62 -8.86 -14.72 -0.01
C LEU A 62 -7.72 -14.92 0.99
N CYS A 63 -7.32 -13.83 1.66
CA CYS A 63 -6.18 -13.89 2.55
C CYS A 63 -6.21 -12.68 3.47
N ASP A 64 -6.25 -12.94 4.77
CA ASP A 64 -6.12 -11.90 5.79
C ASP A 64 -4.65 -11.83 6.17
N VAL A 65 -4.00 -10.70 5.86
CA VAL A 65 -2.56 -10.59 6.09
C VAL A 65 -2.17 -10.63 7.56
N THR A 66 -3.10 -10.44 8.49
CA THR A 66 -2.76 -10.59 9.90
C THR A 66 -2.73 -12.05 10.35
N GLN A 67 -3.08 -12.99 9.47
CA GLN A 67 -3.13 -14.42 9.79
C GLN A 67 -1.99 -15.10 9.05
N GLU A 68 -0.96 -15.54 9.78
CA GLU A 68 0.24 -16.02 9.13
C GLU A 68 -0.03 -17.23 8.24
N ASP A 69 -1.01 -18.05 8.61
CA ASP A 69 -1.34 -19.21 7.79
C ASP A 69 -2.04 -18.80 6.50
N ASP A 70 -2.88 -17.77 6.54
CA ASP A 70 -3.40 -17.19 5.31
C ASP A 70 -2.26 -16.75 4.40
N VAL A 71 -1.27 -16.06 4.97
CA VAL A 71 -0.19 -15.51 4.15
C VAL A 71 0.69 -16.61 3.60
N LYS A 72 0.95 -17.64 4.41
CA LYS A 72 1.73 -18.78 3.94
C LYS A 72 1.06 -19.42 2.73
N THR A 73 -0.26 -19.55 2.78
CA THR A 73 -1.00 -20.17 1.69
C THR A 73 -1.05 -19.25 0.47
N LEU A 74 -1.20 -17.94 0.69
CA LEU A 74 -1.09 -16.99 -0.40
C LEU A 74 0.18 -17.20 -1.22
N VAL A 75 1.33 -17.28 -0.54
CA VAL A 75 2.59 -17.44 -1.27
C VAL A 75 2.67 -18.80 -1.95
N SER A 76 2.31 -19.87 -1.24
CA SER A 76 2.45 -21.19 -1.84
C SER A 76 1.50 -21.36 -3.02
N GLU A 77 0.28 -20.88 -2.90
CA GLU A 77 -0.65 -20.92 -4.03
C GLU A 77 -0.16 -20.07 -5.19
N THR A 78 0.47 -18.93 -4.92
CA THR A 78 1.00 -18.11 -6.01
C THR A 78 2.05 -18.87 -6.80
N ILE A 79 3.01 -19.47 -6.10
CA ILE A 79 4.04 -20.27 -6.75
C ILE A 79 3.44 -21.47 -7.46
N ARG A 80 2.49 -22.17 -6.82
CA ARG A 80 1.91 -23.35 -7.41
C ARG A 80 1.20 -23.01 -8.71
N ARG A 81 0.45 -21.91 -8.73
CA ARG A 81 -0.35 -21.58 -9.90
C ARG A 81 0.45 -20.84 -11.00
N PHE A 82 1.48 -20.08 -10.65
CA PHE A 82 2.15 -19.26 -11.65
C PHE A 82 3.65 -19.49 -11.77
N GLY A 83 4.27 -20.23 -10.87
CA GLY A 83 5.63 -20.68 -11.11
C GLY A 83 6.73 -19.73 -10.74
N ARG A 84 6.42 -18.52 -10.27
CA ARG A 84 7.45 -17.55 -9.91
C ARG A 84 6.76 -16.44 -9.14
N LEU A 85 7.56 -15.57 -8.53
CA LEU A 85 7.03 -14.37 -7.88
C LEU A 85 8.06 -13.26 -8.01
N ASP A 86 7.63 -12.12 -8.57
CA ASP A 86 8.53 -11.04 -8.93
C ASP A 86 8.32 -9.77 -8.12
N CYS A 87 7.14 -9.55 -7.60
CA CYS A 87 6.89 -8.30 -6.92
C CYS A 87 5.79 -8.50 -5.90
N VAL A 88 5.99 -7.95 -4.71
CA VAL A 88 5.01 -7.96 -3.66
C VAL A 88 4.69 -6.51 -3.32
N VAL A 89 3.42 -6.14 -3.38
CA VAL A 89 2.96 -4.81 -3.04
C VAL A 89 2.14 -4.92 -1.76
N ASN A 90 2.70 -4.40 -0.67
CA ASN A 90 2.06 -4.44 0.65
C ASN A 90 1.20 -3.19 0.81
N ASN A 91 -0.04 -3.31 0.38
CA ASN A 91 -0.99 -2.20 0.37
C ASN A 91 -2.04 -2.31 1.45
N ALA A 92 -2.41 -3.52 1.87
CA ALA A 92 -3.44 -3.69 2.88
C ALA A 92 -3.10 -2.88 4.13
N GLY A 93 -4.05 -2.08 4.57
CA GLY A 93 -3.86 -1.26 5.74
C GLY A 93 -5.14 -0.53 6.01
N HIS A 94 -5.17 0.16 7.15
CA HIS A 94 -6.39 0.78 7.61
C HIS A 94 -6.06 2.08 8.33
N HIS A 95 -6.94 3.07 8.16
CA HIS A 95 -6.83 4.31 8.91
C HIS A 95 -8.02 4.40 9.84
N PRO A 96 -7.85 4.32 11.15
CA PRO A 96 -8.98 4.45 12.06
C PRO A 96 -9.59 5.83 11.96
N PRO A 97 -10.80 6.02 12.49
CA PRO A 97 -11.35 7.36 12.55
C PRO A 97 -10.47 8.24 13.41
N PRO A 98 -10.52 9.56 13.19
CA PRO A 98 -9.74 10.48 14.03
C PRO A 98 -9.97 10.22 15.51
N GLN A 99 -8.88 10.10 16.26
CA GLN A 99 -8.93 9.83 17.69
C GLN A 99 -7.91 10.72 18.39
N ARG A 100 -8.35 11.42 19.43
CA ARG A 100 -7.43 12.14 20.28
C ARG A 100 -6.50 11.18 21.00
N PRO A 101 -5.29 11.62 21.36
CA PRO A 101 -4.33 10.70 22.00
C PRO A 101 -4.90 10.02 23.23
N GLU A 102 -5.61 10.77 24.08
CA GLU A 102 -6.19 10.18 25.27
C GLU A 102 -7.35 9.25 24.96
N GLU A 103 -7.87 9.29 23.74
CA GLU A 103 -8.90 8.33 23.33
C GLU A 103 -8.32 7.06 22.73
N THR A 104 -7.00 6.95 22.58
CA THR A 104 -6.41 5.75 22.03
C THR A 104 -6.13 4.75 23.14
N SER A 105 -5.88 3.51 22.75
CA SER A 105 -5.49 2.48 23.69
C SER A 105 -4.28 1.73 23.17
N ALA A 106 -3.52 1.15 24.12
CA ALA A 106 -2.39 0.32 23.73
C ALA A 106 -2.83 -0.87 22.90
N GLN A 107 -3.98 -1.45 23.22
CA GLN A 107 -4.39 -2.64 22.50
C GLN A 107 -4.93 -2.27 21.11
N GLY A 108 -5.61 -1.14 20.99
CA GLY A 108 -5.95 -0.66 19.66
C GLY A 108 -4.72 -0.35 18.83
N PHE A 109 -3.70 0.24 19.46
CA PHE A 109 -2.42 0.49 18.82
C PHE A 109 -1.79 -0.82 18.35
N ARG A 110 -1.76 -1.84 19.21
CA ARG A 110 -1.19 -3.14 18.82
C ARG A 110 -1.93 -3.75 17.64
N GLN A 111 -3.27 -3.67 17.63
CA GLN A 111 -4.04 -4.19 16.51
C GLN A 111 -3.75 -3.44 15.21
N LEU A 112 -3.63 -2.13 15.28
CA LEU A 112 -3.28 -1.40 14.06
C LEU A 112 -1.88 -1.75 13.58
N LEU A 113 -0.93 -1.90 14.51
CA LEU A 113 0.41 -2.35 14.14
C LEU A 113 0.36 -3.73 13.51
N GLU A 114 -0.53 -4.59 14.01
CA GLU A 114 -0.67 -5.92 13.45
C GLU A 114 -1.02 -5.87 11.96
N LEU A 115 -1.93 -4.98 11.57
CA LEU A 115 -2.29 -4.87 10.16
C LEU A 115 -1.26 -4.07 9.37
N ASN A 116 -1.08 -2.81 9.74
CA ASN A 116 -0.30 -1.89 8.91
C ASN A 116 1.18 -2.25 8.85
N LEU A 117 1.73 -2.89 9.89
CA LEU A 117 3.16 -3.15 9.95
C LEU A 117 3.49 -4.63 9.87
N LEU A 118 2.99 -5.44 10.78
CA LEU A 118 3.39 -6.84 10.83
C LEU A 118 2.85 -7.63 9.66
N GLY A 119 1.68 -7.27 9.13
CA GLY A 119 1.18 -7.96 7.95
C GLY A 119 2.08 -7.74 6.75
N THR A 120 2.55 -6.50 6.59
CA THR A 120 3.58 -6.19 5.60
C THR A 120 4.86 -6.98 5.88
N TYR A 121 5.28 -7.02 7.14
CA TYR A 121 6.48 -7.77 7.52
C TYR A 121 6.33 -9.25 7.16
N THR A 122 5.18 -9.84 7.45
CA THR A 122 5.01 -11.29 7.30
C THR A 122 5.01 -11.72 5.84
N LEU A 123 4.23 -11.02 4.99
CA LEU A 123 4.24 -11.38 3.58
C LEU A 123 5.62 -11.18 2.98
N THR A 124 6.28 -10.08 3.33
CA THR A 124 7.61 -9.85 2.78
C THR A 124 8.55 -11.00 3.14
N LYS A 125 8.55 -11.43 4.39
CA LYS A 125 9.44 -12.50 4.84
C LYS A 125 9.16 -13.81 4.10
N LEU A 126 7.89 -14.18 3.95
CA LEU A 126 7.56 -15.41 3.25
C LEU A 126 7.86 -15.31 1.76
N ALA A 127 7.77 -14.12 1.18
CA ALA A 127 8.00 -13.95 -0.24
C ALA A 127 9.48 -13.88 -0.61
N LEU A 128 10.33 -13.41 0.31
CA LEU A 128 11.70 -13.08 -0.07
C LEU A 128 12.49 -14.23 -0.67
N PRO A 129 12.38 -15.48 -0.20
CA PRO A 129 13.11 -16.57 -0.90
C PRO A 129 12.80 -16.64 -2.37
N TYR A 130 11.54 -16.39 -2.76
CA TYR A 130 11.15 -16.43 -4.16
C TYR A 130 11.57 -15.16 -4.90
N LEU A 131 11.48 -14.00 -4.23
CA LEU A 131 11.96 -12.77 -4.83
C LEU A 131 13.46 -12.83 -5.10
N ARG A 132 14.23 -13.41 -4.18
CA ARG A 132 15.65 -13.58 -4.42
C ARG A 132 15.91 -14.41 -5.68
N LYS A 133 15.11 -15.46 -5.89
CA LYS A 133 15.31 -16.29 -7.09
C LYS A 133 14.98 -15.52 -8.37
N SER A 134 14.05 -14.57 -8.31
CA SER A 134 13.65 -13.83 -9.49
C SER A 134 14.32 -12.47 -9.59
N GLN A 135 15.17 -12.12 -8.63
CA GLN A 135 15.63 -10.75 -8.44
C GLN A 135 14.45 -9.79 -8.53
N GLY A 136 13.41 -10.11 -7.76
CA GLY A 136 12.20 -9.31 -7.71
C GLY A 136 12.36 -8.16 -6.75
N ASN A 137 11.23 -7.61 -6.33
CA ASN A 137 11.27 -6.40 -5.52
C ASN A 137 10.00 -6.28 -4.67
N VAL A 138 10.13 -5.50 -3.62
CA VAL A 138 9.09 -5.24 -2.64
C VAL A 138 8.69 -3.77 -2.75
N ILE A 139 7.39 -3.52 -2.70
CA ILE A 139 6.85 -2.17 -2.71
C ILE A 139 5.89 -2.06 -1.54
N ASN A 140 6.23 -1.26 -0.54
CA ASN A 140 5.34 -1.03 0.59
C ASN A 140 4.57 0.27 0.39
N ILE A 141 3.29 0.24 0.69
CA ILE A 141 2.48 1.45 0.63
C ILE A 141 2.45 2.05 2.02
N SER A 142 3.17 3.14 2.22
CA SER A 142 3.24 3.80 3.52
C SER A 142 2.27 4.97 3.51
N SER A 143 2.67 6.17 3.92
CA SER A 143 1.85 7.36 3.89
C SER A 143 2.75 8.56 4.13
N LEU A 144 2.38 9.67 3.50
CA LEU A 144 3.03 10.94 3.79
C LEU A 144 2.97 11.28 5.27
N VAL A 145 1.88 10.92 5.96
CA VAL A 145 1.76 11.34 7.36
C VAL A 145 2.76 10.58 8.24
N GLY A 146 3.35 9.49 7.77
CA GLY A 146 4.47 8.91 8.49
C GLY A 146 5.64 9.86 8.58
N ALA A 147 5.85 10.66 7.55
CA ALA A 147 6.97 11.58 7.52
C ALA A 147 6.65 12.93 8.14
N ILE A 148 5.43 13.43 8.02
CA ILE A 148 5.14 14.79 8.48
C ILE A 148 4.16 14.82 9.64
N GLY A 149 3.63 13.68 10.05
CA GLY A 149 2.66 13.65 11.13
C GLY A 149 1.25 14.00 10.65
N GLN A 150 0.29 13.75 11.53
CA GLN A 150 -1.12 14.04 11.27
C GLN A 150 -1.79 14.20 12.62
N ALA A 151 -2.82 15.04 12.67
CA ALA A 151 -3.55 15.23 13.90
C ALA A 151 -4.55 14.10 14.11
N GLN A 152 -4.77 13.76 15.38
CA GLN A 152 -5.73 12.74 15.82
C GLN A 152 -5.51 11.40 15.13
N ALA A 153 -4.26 10.96 15.10
CA ALA A 153 -3.92 9.72 14.42
C ALA A 153 -2.59 9.16 14.91
N VAL A 154 -2.32 9.30 16.19
CA VAL A 154 -1.06 8.85 16.74
C VAL A 154 -0.75 7.40 16.36
N PRO A 155 -1.65 6.43 16.57
CA PRO A 155 -1.32 5.06 16.16
C PRO A 155 -1.10 4.90 14.65
N TYR A 156 -1.99 5.46 13.82
CA TYR A 156 -1.81 5.34 12.37
C TYR A 156 -0.46 5.91 11.93
N VAL A 157 -0.15 7.14 12.33
CA VAL A 157 1.11 7.78 11.94
C VAL A 157 2.30 6.92 12.35
N ALA A 158 2.23 6.37 13.57
CA ALA A 158 3.34 5.54 14.06
C ALA A 158 3.54 4.31 13.20
N THR A 159 2.45 3.63 12.80
CA THR A 159 2.59 2.43 11.96
C THR A 159 3.23 2.77 10.61
N LYS A 160 2.92 3.94 10.06
CA LYS A 160 3.48 4.32 8.77
C LYS A 160 4.92 4.82 8.88
N GLY A 161 5.26 5.52 9.96
CA GLY A 161 6.66 5.78 10.24
C GLY A 161 7.48 4.51 10.30
N ALA A 162 6.91 3.47 10.93
CA ALA A 162 7.60 2.18 11.00
C ALA A 162 7.76 1.53 9.63
N VAL A 163 6.73 1.60 8.78
CA VAL A 163 6.81 0.94 7.47
C VAL A 163 7.89 1.60 6.62
N THR A 164 7.93 2.93 6.61
CA THR A 164 8.92 3.66 5.83
C THR A 164 10.34 3.32 6.30
N ALA A 165 10.55 3.34 7.61
CA ALA A 165 11.85 2.97 8.17
C ALA A 165 12.19 1.52 7.84
N MET A 166 11.24 0.61 8.04
CA MET A 166 11.48 -0.80 7.73
C MET A 166 11.88 -1.00 6.28
N THR A 167 11.25 -0.25 5.37
CA THR A 167 11.61 -0.30 3.96
C THR A 167 13.09 -0.06 3.75
N LYS A 168 13.66 0.92 4.45
CA LYS A 168 15.06 1.23 4.29
C LYS A 168 15.96 0.15 4.89
N ALA A 169 15.60 -0.36 6.07
CA ALA A 169 16.36 -1.42 6.71
C ALA A 169 16.40 -2.66 5.82
N LEU A 170 15.24 -3.05 5.28
CA LEU A 170 15.18 -4.24 4.46
C LEU A 170 15.93 -4.04 3.15
N ALA A 171 15.82 -2.84 2.57
CA ALA A 171 16.61 -2.52 1.39
C ALA A 171 18.09 -2.80 1.63
N LEU A 172 18.62 -2.36 2.78
CA LEU A 172 20.00 -2.64 3.11
C LEU A 172 20.27 -4.14 3.17
N ASP A 173 19.39 -4.89 3.83
CA ASP A 173 19.63 -6.31 4.02
C ASP A 173 19.58 -7.08 2.71
N GLU A 174 18.65 -6.72 1.83
CA GLU A 174 18.45 -7.48 0.59
C GLU A 174 19.28 -6.97 -0.59
N SER A 175 19.89 -5.80 -0.50
CA SER A 175 20.72 -5.35 -1.62
C SER A 175 21.77 -6.36 -2.08
N PRO A 176 22.47 -7.09 -1.19
CA PRO A 176 23.43 -8.10 -1.70
C PRO A 176 22.80 -9.13 -2.61
N TYR A 177 21.49 -9.33 -2.54
CA TYR A 177 20.83 -10.35 -3.34
C TYR A 177 20.12 -9.74 -4.53
N GLY A 178 20.29 -8.44 -4.77
CA GLY A 178 19.63 -7.82 -5.89
C GLY A 178 18.13 -7.71 -5.76
N VAL A 179 17.59 -7.81 -4.55
CA VAL A 179 16.19 -7.57 -4.32
C VAL A 179 16.05 -6.13 -3.84
N ARG A 180 15.33 -5.32 -4.61
CA ARG A 180 15.08 -3.93 -4.24
C ARG A 180 13.84 -3.84 -3.35
N VAL A 181 13.86 -2.88 -2.43
CA VAL A 181 12.77 -2.67 -1.46
C VAL A 181 12.50 -1.18 -1.39
N ASN A 182 11.32 -0.76 -1.85
CA ASN A 182 10.98 0.66 -1.91
C ASN A 182 9.59 0.87 -1.32
N CYS A 183 9.26 2.13 -1.06
CA CYS A 183 7.90 2.43 -0.64
C CYS A 183 7.33 3.63 -1.38
N ILE A 184 6.01 3.67 -1.42
CA ILE A 184 5.23 4.80 -1.91
C ILE A 184 4.53 5.42 -0.70
N SER A 185 4.65 6.73 -0.56
CA SER A 185 3.95 7.48 0.49
C SER A 185 2.88 8.34 -0.16
N PRO A 186 1.66 7.82 -0.32
CA PRO A 186 0.60 8.66 -0.88
C PRO A 186 0.15 9.70 0.13
N GLY A 187 -0.38 10.80 -0.39
CA GLY A 187 -1.11 11.76 0.43
C GLY A 187 -2.59 11.46 0.30
N ASN A 188 -3.43 12.47 0.17
CA ASN A 188 -4.87 12.25 0.08
C ASN A 188 -5.22 11.60 -1.26
N ILE A 189 -5.60 10.32 -1.23
CA ILE A 189 -6.06 9.59 -2.41
C ILE A 189 -7.54 9.28 -2.22
N TRP A 190 -8.35 9.62 -3.22
CA TRP A 190 -9.80 9.40 -3.13
C TRP A 190 -10.11 7.92 -3.31
N THR A 191 -10.48 7.24 -2.21
CA THR A 191 -10.73 5.80 -2.15
C THR A 191 -12.00 5.55 -1.33
N PRO A 192 -12.51 4.32 -1.30
CA PRO A 192 -13.65 4.06 -0.41
C PRO A 192 -13.34 4.37 1.04
N LEU A 193 -12.10 4.16 1.48
CA LEU A 193 -11.75 4.49 2.86
C LEU A 193 -11.88 5.99 3.11
N TRP A 194 -11.40 6.82 2.19
CA TRP A 194 -11.56 8.26 2.39
C TRP A 194 -13.03 8.63 2.50
N GLU A 195 -13.84 8.08 1.62
CA GLU A 195 -15.27 8.35 1.63
C GLU A 195 -15.91 7.92 2.95
N GLU A 196 -15.58 6.73 3.43
CA GLU A 196 -16.15 6.25 4.69
C GLU A 196 -15.74 7.15 5.87
N LEU A 197 -14.46 7.51 5.95
CA LEU A 197 -14.03 8.38 7.05
C LEU A 197 -14.71 9.74 6.98
N ALA A 198 -14.85 10.31 5.77
CA ALA A 198 -15.51 11.60 5.66
C ALA A 198 -16.97 11.52 6.13
N ALA A 199 -17.63 10.40 5.85
CA ALA A 199 -19.04 10.25 6.23
C ALA A 199 -19.25 10.24 7.75
N LEU A 200 -18.22 9.88 8.52
CA LEU A 200 -18.31 9.93 9.98
C LEU A 200 -18.28 11.35 10.51
N MET A 201 -17.85 12.30 9.71
CA MET A 201 -17.57 13.63 10.21
C MET A 201 -18.86 14.42 10.36
N PRO A 202 -18.85 15.46 11.20
CA PRO A 202 -20.00 16.37 11.26
C PRO A 202 -20.45 16.87 9.89
N ASP A 203 -19.51 17.37 9.08
CA ASP A 203 -19.80 17.88 7.74
C ASP A 203 -18.96 17.10 6.75
N PRO A 204 -19.49 16.01 6.18
CA PRO A 204 -18.69 15.22 5.23
C PRO A 204 -18.23 16.00 4.00
N ARG A 205 -19.13 16.74 3.36
CA ARG A 205 -18.74 17.47 2.15
C ARG A 205 -17.63 18.47 2.45
N ALA A 206 -17.68 19.11 3.62
CA ALA A 206 -16.63 20.06 3.97
C ALA A 206 -15.32 19.34 4.25
N THR A 207 -15.38 18.21 4.95
CA THR A 207 -14.17 17.43 5.16
C THR A 207 -13.54 17.04 3.83
N ILE A 208 -14.37 16.70 2.85
CA ILE A 208 -13.83 16.33 1.55
C ILE A 208 -13.21 17.53 0.85
N ARG A 209 -13.83 18.70 0.98
CA ARG A 209 -13.27 19.90 0.38
C ARG A 209 -11.94 20.27 1.04
N GLU A 210 -11.87 20.21 2.37
CA GLU A 210 -10.60 20.46 3.04
C GLU A 210 -9.53 19.48 2.56
N GLY A 211 -9.93 18.22 2.33
CA GLY A 211 -8.98 17.23 1.86
C GLY A 211 -8.45 17.52 0.47
N MET A 212 -9.31 18.01 -0.42
CA MET A 212 -8.86 18.41 -1.75
C MET A 212 -7.91 19.61 -1.68
N LEU A 213 -8.18 20.54 -0.77
CA LEU A 213 -7.42 21.77 -0.72
C LEU A 213 -6.10 21.63 0.03
N ALA A 214 -5.88 20.52 0.72
CA ALA A 214 -4.60 20.29 1.36
C ALA A 214 -3.47 20.16 0.34
N GLN A 215 -3.80 19.94 -0.96
CA GLN A 215 -2.78 19.78 -2.01
C GLN A 215 -2.69 21.04 -2.86
N PRO A 216 -1.48 21.51 -3.17
CA PRO A 216 -1.35 22.59 -4.15
C PRO A 216 -2.01 22.31 -5.48
N LEU A 217 -2.05 21.05 -5.92
CA LEU A 217 -2.73 20.73 -7.15
C LEU A 217 -4.26 20.87 -7.04
N GLY A 218 -4.79 21.10 -5.85
CA GLY A 218 -6.20 21.41 -5.65
C GLY A 218 -7.15 20.24 -5.75
N ARG A 219 -6.65 19.01 -5.76
CA ARG A 219 -7.48 17.82 -5.86
C ARG A 219 -6.81 16.71 -5.07
N MET A 220 -7.56 15.65 -4.81
CA MET A 220 -6.96 14.43 -4.30
C MET A 220 -6.39 13.62 -5.45
N GLY A 221 -5.53 12.64 -5.10
CA GLY A 221 -4.98 11.72 -6.07
C GLY A 221 -5.91 10.55 -6.37
N GLN A 222 -5.55 9.81 -7.41
CA GLN A 222 -6.34 8.66 -7.82
C GLN A 222 -5.56 7.38 -7.57
N PRO A 223 -6.26 6.30 -7.27
CA PRO A 223 -5.58 4.98 -7.19
C PRO A 223 -4.74 4.64 -8.40
N ALA A 224 -5.19 4.98 -9.60
CA ALA A 224 -4.41 4.73 -10.81
C ALA A 224 -3.06 5.44 -10.78
N GLU A 225 -2.98 6.60 -10.14
CA GLU A 225 -1.72 7.32 -10.07
C GLU A 225 -0.76 6.64 -9.10
N VAL A 226 -1.26 6.11 -7.99
CA VAL A 226 -0.41 5.25 -7.15
C VAL A 226 0.01 4.01 -7.93
N GLY A 227 -0.93 3.44 -8.70
CA GLY A 227 -0.60 2.25 -9.48
C GLY A 227 0.51 2.48 -10.47
N ALA A 228 0.50 3.63 -11.15
CA ALA A 228 1.58 3.95 -12.09
C ALA A 228 2.92 4.09 -11.36
N ALA A 229 2.92 4.73 -10.20
CA ALA A 229 4.14 4.79 -9.41
C ALA A 229 4.64 3.40 -9.04
N ALA A 230 3.72 2.49 -8.70
CA ALA A 230 4.14 1.15 -8.32
C ALA A 230 4.76 0.41 -9.50
N VAL A 231 4.13 0.49 -10.67
CA VAL A 231 4.66 -0.18 -11.85
C VAL A 231 6.04 0.38 -12.21
N PHE A 232 6.24 1.69 -12.00
CA PHE A 232 7.57 2.26 -12.22
C PHE A 232 8.61 1.63 -11.30
N LEU A 233 8.33 1.58 -10.00
CA LEU A 233 9.27 1.00 -9.05
C LEU A 233 9.57 -0.46 -9.38
N ALA A 234 8.57 -1.20 -9.82
CA ALA A 234 8.79 -2.62 -10.13
C ALA A 234 9.61 -2.79 -11.39
N SER A 235 9.24 -2.08 -12.46
CA SER A 235 9.70 -2.44 -13.79
C SER A 235 10.84 -1.58 -14.30
N GLU A 236 11.03 -0.37 -13.76
CA GLU A 236 11.97 0.57 -14.37
C GLU A 236 12.88 1.28 -13.40
N ALA A 237 12.76 1.05 -12.10
CA ALA A 237 13.61 1.79 -11.17
C ALA A 237 14.73 0.91 -10.65
N ASN A 238 15.53 0.34 -11.55
CA ASN A 238 16.47 -0.71 -11.20
C ASN A 238 17.63 -0.21 -10.33
N PHE A 239 17.84 1.09 -10.25
CA PHE A 239 18.85 1.67 -9.37
C PHE A 239 18.21 2.30 -8.13
N CYS A 240 16.91 2.09 -7.91
CA CYS A 240 16.22 2.61 -6.74
C CYS A 240 16.02 1.51 -5.73
N THR A 241 16.56 1.69 -4.53
CA THR A 241 16.20 0.82 -3.42
C THR A 241 16.19 1.65 -2.15
N GLY A 242 15.26 1.34 -1.27
CA GLY A 242 15.10 2.10 -0.03
C GLY A 242 14.55 3.49 -0.20
N ILE A 243 13.93 3.83 -1.35
CA ILE A 243 13.42 5.18 -1.51
C ILE A 243 11.98 5.26 -1.04
N GLU A 244 11.56 6.49 -0.74
CA GLU A 244 10.18 6.82 -0.40
C GLU A 244 9.65 7.71 -1.52
N LEU A 245 8.77 7.16 -2.34
CA LEU A 245 8.25 7.87 -3.51
C LEU A 245 6.97 8.60 -3.12
N LEU A 246 7.03 9.92 -3.06
CA LEU A 246 5.90 10.71 -2.59
C LEU A 246 4.88 10.89 -3.71
N VAL A 247 3.63 10.53 -3.43
CA VAL A 247 2.55 10.68 -4.39
C VAL A 247 1.46 11.47 -3.67
N THR A 248 1.64 12.79 -3.56
CA THR A 248 0.92 13.59 -2.59
C THR A 248 0.33 14.88 -3.14
N GLY A 249 0.51 15.17 -4.43
CA GLY A 249 0.04 16.43 -4.96
C GLY A 249 0.73 17.66 -4.40
N GLY A 250 1.88 17.48 -3.75
CA GLY A 250 2.60 18.59 -3.13
C GLY A 250 2.12 19.01 -1.77
N ALA A 251 1.34 18.16 -1.08
CA ALA A 251 0.78 18.53 0.22
C ALA A 251 1.86 18.91 1.24
N GLU A 252 3.05 18.34 1.13
CA GLU A 252 4.11 18.59 2.10
C GLU A 252 4.84 19.92 1.87
N LEU A 253 4.53 20.63 0.79
CA LEU A 253 5.28 21.82 0.37
C LEU A 253 4.71 23.08 0.99
N GLY A 254 5.60 23.94 1.47
CA GLY A 254 5.19 25.28 1.87
C GLY A 254 4.33 25.33 3.13
N TYR A 255 3.96 26.56 3.48
CA TYR A 255 3.12 26.83 4.65
C TYR A 255 1.64 26.67 4.32
N GLY A 256 0.87 26.33 5.35
CA GLY A 256 -0.57 26.29 5.26
C GLY A 256 -1.13 26.64 6.63
N CYS A 257 -2.45 26.68 6.73
CA CYS A 257 -3.08 26.94 8.02
C CYS A 257 -3.07 25.68 8.87
N LYS A 258 -2.44 25.75 10.04
CA LYS A 258 -2.31 24.61 10.95
C LYS A 258 -2.67 24.94 12.40
N PRO A 271 2.29 38.93 18.50
CA PRO A 271 2.26 37.96 17.41
C PRO A 271 3.20 36.81 17.68
N SER A 272 4.19 37.05 18.53
CA SER A 272 5.18 36.04 18.91
C SER A 272 4.99 35.61 20.37
N GLY A 273 3.78 35.75 20.90
CA GLY A 273 3.50 35.42 22.28
C GLY A 273 2.36 34.44 22.48
PA NAD B . -9.36 1.00 1.38
O1A NAD B . -10.06 0.84 2.68
O2A NAD B . -10.22 1.71 0.35
O5B NAD B . -8.92 -0.41 0.82
C5B NAD B . -8.03 -1.25 1.56
C4B NAD B . -8.24 -2.68 1.12
O4B NAD B . -7.43 -3.56 1.94
C3B NAD B . -9.68 -3.18 1.22
O3B NAD B . -10.05 -3.93 0.07
C2B NAD B . -9.66 -4.02 2.51
O2B NAD B . -10.60 -5.07 2.55
C1B NAD B . -8.25 -4.60 2.43
N9A NAD B . -7.74 -5.06 3.72
C8A NAD B . -7.87 -4.45 4.93
N7A NAD B . -7.42 -5.16 5.93
C5A NAD B . -6.93 -6.31 5.33
C6A NAD B . -6.34 -7.48 5.84
N6A NAD B . -6.17 -7.72 7.15
N1A NAD B . -5.95 -8.43 4.95
C2A NAD B . -6.17 -8.21 3.65
N3A NAD B . -6.74 -7.16 3.05
C4A NAD B . -7.11 -6.25 3.95
O3 NAD B . -8.04 1.84 1.65
PN NAD B . -7.12 2.77 0.74
O1N NAD B . -7.55 4.16 0.98
O2N NAD B . -7.12 2.22 -0.63
O5D NAD B . -5.72 2.50 1.45
C5D NAD B . -4.84 1.46 1.00
C4D NAD B . -3.48 1.69 1.60
O4D NAD B . -3.00 3.01 1.27
C3D NAD B . -3.41 1.59 3.12
O3D NAD B . -2.17 1.00 3.52
C2D NAD B . -3.48 3.05 3.55
O2D NAD B . -2.92 3.31 4.83
C1D NAD B . -2.64 3.68 2.45
N1N NAD B . -2.86 5.20 2.25
C2N NAD B . -4.08 5.66 1.91
C3N NAD B . -4.28 7.01 1.71
C7N NAD B . -5.57 7.62 1.21
O7N NAD B . -5.67 8.86 1.13
N7N NAD B . -6.57 6.79 0.85
C4N NAD B . -3.21 7.88 1.89
C5N NAD B . -1.97 7.38 2.24
C6N NAD B . -1.81 6.04 2.42
NA NA C . -9.08 -12.90 -14.27
C1 6QJ D . -8.66 14.14 10.00
C2 6QJ D . -8.97 13.42 8.84
C3 6QJ D . -8.39 12.19 8.55
C4 6QJ D . -8.74 11.46 7.31
C5 6QJ D . -9.96 11.63 6.67
C6 6QJ D . -10.24 10.89 5.54
C7 6QJ D . -9.30 9.98 5.08
C8 6QJ D . -8.10 9.87 5.78
C9 6QJ D . -7.05 8.88 5.34
C10 6QJ D . -5.66 9.32 5.06
O1 6QJ D . -2.31 7.90 5.06
O2 6QJ D . -7.41 14.28 12.00
F 6QJ D . -1.81 10.48 4.21
C13 6QJ D . -3.09 10.12 4.52
C12 6QJ D . -4.10 11.03 4.40
C11 6QJ D . -5.39 10.63 4.68
C14 6QJ D . -3.31 8.81 4.92
C15 6QJ D . -4.61 8.41 5.17
O 6QJ D . -7.33 7.69 5.23
N 6QJ D . -7.81 10.59 6.87
C16 6QJ D . -7.47 11.67 9.46
C17 6QJ D . -7.14 12.36 10.61
C18 6QJ D . -7.74 13.59 10.88
C 6QJ D . -9.28 15.49 10.27
#